data_6RP0
#
_entry.id   6RP0
#
_cell.length_a   92.180
_cell.length_b   92.180
_cell.length_c   139.726
_cell.angle_alpha   90.000
_cell.angle_beta   90.000
_cell.angle_gamma   90.000
#
_symmetry.space_group_name_H-M   'P 41 21 2'
#
loop_
_entity.id
_entity.type
_entity.pdbx_description
1 polymer 'FORMAMIDOPYRIMIDINE-DNA GLYCOSYLASE'
2 polymer "DNA (5'-D(*CP*TP*CP*TP*TP*TP*(3DR)P*TP*TP*TP*CP*TP*CP*G)-3')"
3 polymer "DNA (5'-D(*GP*CP*GP*AP*GP*AP*AP*AP*CP*AP*AP*AP*GP*A)-3')"
4 non-polymer 2,8-dithioxo-1,2,3,7,8,9-hexahydro-6H-purin-6-one
5 non-polymer GLYCEROL
6 water water
#
loop_
_entity_poly.entity_id
_entity_poly.type
_entity_poly.pdbx_seq_one_letter_code
_entity_poly.pdbx_strand_id
1 'polypeptide(L)'
;PELPEVETVRRELEKRIVGQKIISIEATYPRMVLTGFEQLKKELTGKTIQGISRRGKYLIFEIGDDFRLISHLRMEGKYR
LATLDAPREKHDHLTMKFADGQLIYADVRKFGTWELISTDQVLPYFLKKKIGPEPTYEDFDEKLFREKLRKSTKKIKPYL
LEQTLVAGLGNIYVDEVLWLAKIHPEKETNQLIESSIHLLHDSIIEILQKAIKLGGSSIRTYSALGSTGKMQNELQVYGK
TGEKCSRCGAEIQKIKVAGRGTHFCPVCQQK
;
A
2 'polydeoxyribonucleotide' (DC)(DT)(DC)(DT)(DT)(DT)(3DR)(DT)(DT)(DT)(DC)(DT)(DC)(DG) B,F
3 'polydeoxyribonucleotide' (DG)(DC)(DG)(DA)(DG)(DA)(DA)(DA)(DC)(DA)(DA)(DA)(DG)(DA) C
#
# COMPACT_ATOMS: atom_id res chain seq x y z
N PRO A 1 -5.95 -0.08 0.30
CA PRO A 1 -5.01 -0.46 -0.76
C PRO A 1 -3.68 -0.87 -0.17
N GLU A 2 -2.97 -1.80 -0.82
CA GLU A 2 -1.66 -2.24 -0.36
C GLU A 2 -0.63 -1.75 -1.38
N LEU A 3 0.63 -2.15 -1.26
CA LEU A 3 1.65 -1.61 -2.16
C LEU A 3 1.25 -1.72 -3.65
N PRO A 4 0.80 -2.90 -4.11
CA PRO A 4 0.45 -2.98 -5.54
C PRO A 4 -0.60 -1.98 -6.03
N GLU A 5 -1.63 -1.73 -5.23
CA GLU A 5 -2.68 -0.83 -5.67
C GLU A 5 -2.17 0.61 -5.67
N VAL A 6 -1.39 0.98 -4.66
CA VAL A 6 -0.84 2.31 -4.60
C VAL A 6 0.09 2.56 -5.79
N GLU A 7 0.88 1.54 -6.14
CA GLU A 7 1.84 1.67 -7.23
C GLU A 7 1.11 1.83 -8.56
N THR A 8 -0.03 1.15 -8.68
CA THR A 8 -0.88 1.28 -9.86
C THR A 8 -1.45 2.70 -9.91
N VAL A 9 -1.90 3.22 -8.78
CA VAL A 9 -2.37 4.60 -8.76
C VAL A 9 -1.24 5.56 -9.13
N ARG A 10 -0.07 5.37 -8.51
CA ARG A 10 1.09 6.19 -8.81
C ARG A 10 1.36 6.25 -10.32
N ARG A 11 1.33 5.09 -10.96
CA ARG A 11 1.65 5.03 -12.38
C ARG A 11 0.62 5.77 -13.23
N GLU A 12 -0.65 5.67 -12.85
CA GLU A 12 -1.68 6.34 -13.65
C GLU A 12 -1.53 7.84 -13.48
N LEU A 13 -1.28 8.27 -12.24
CA LEU A 13 -1.10 9.70 -11.95
C LEU A 13 0.10 10.27 -12.68
N GLU A 14 1.18 9.50 -12.73
CA GLU A 14 2.42 9.90 -13.39
C GLU A 14 2.13 10.24 -14.84
N LYS A 15 1.28 9.44 -15.47
CA LYS A 15 0.95 9.62 -16.89
C LYS A 15 0.06 10.84 -17.13
N ARG A 16 -0.80 11.17 -16.17
CA ARG A 16 -1.84 12.15 -16.44
C ARG A 16 -1.57 13.55 -15.91
N ILE A 17 -1.01 13.67 -14.70
CA ILE A 17 -0.95 14.98 -14.07
C ILE A 17 0.45 15.58 -13.96
N VAL A 18 1.48 14.84 -14.34
CA VAL A 18 2.82 15.42 -14.29
C VAL A 18 2.91 16.53 -15.35
N GLY A 19 3.45 17.68 -14.97
CA GLY A 19 3.54 18.82 -15.86
C GLY A 19 2.36 19.76 -15.74
N GLN A 20 1.39 19.40 -14.90
CA GLN A 20 0.20 20.23 -14.76
C GLN A 20 0.32 21.21 -13.61
N LYS A 21 -0.18 22.42 -13.84
CA LYS A 21 -0.14 23.47 -12.85
C LYS A 21 -1.39 23.42 -11.99
N ILE A 22 -1.22 23.43 -10.67
CA ILE A 22 -2.36 23.45 -9.77
C ILE A 22 -2.99 24.83 -9.75
N ILE A 23 -4.24 24.92 -10.18
CA ILE A 23 -4.92 26.21 -10.24
C ILE A 23 -5.54 26.56 -8.89
N SER A 24 -6.16 25.58 -8.23
CA SER A 24 -6.69 25.79 -6.89
C SER A 24 -6.82 24.46 -6.16
N ILE A 25 -6.93 24.55 -4.84
CA ILE A 25 -7.12 23.36 -4.03
C ILE A 25 -8.30 23.65 -3.13
N GLU A 26 -9.23 22.71 -3.04
CA GLU A 26 -10.42 22.90 -2.22
C GLU A 26 -10.65 21.70 -1.31
N ALA A 27 -11.32 21.94 -0.19
CA ALA A 27 -11.53 20.90 0.80
C ALA A 27 -12.89 21.00 1.43
N THR A 28 -13.62 19.88 1.48
CA THR A 28 -14.81 19.80 2.31
C THR A 28 -14.47 19.09 3.61
N TYR A 29 -13.32 18.42 3.65
CA TYR A 29 -12.84 17.76 4.88
C TYR A 29 -11.37 18.12 5.18
N PRO A 30 -11.12 19.38 5.54
CA PRO A 30 -9.72 19.83 5.72
C PRO A 30 -8.98 19.09 6.82
N ARG A 31 -9.68 18.52 7.79
CA ARG A 31 -9.04 17.84 8.92
C ARG A 31 -8.17 16.66 8.48
N MET A 32 -8.32 16.17 7.25
CA MET A 32 -7.46 15.07 6.82
C MET A 32 -6.11 15.62 6.35
N VAL A 33 -5.97 16.93 6.29
CA VAL A 33 -4.66 17.48 5.95
C VAL A 33 -3.96 17.77 7.28
N LEU A 34 -3.17 16.79 7.73
CA LEU A 34 -2.61 16.77 9.09
C LEU A 34 -1.64 17.91 9.37
N THR A 35 -1.04 18.46 8.33
CA THR A 35 -0.09 19.55 8.50
C THR A 35 -0.78 20.92 8.34
N GLY A 36 -2.08 20.92 8.03
CA GLY A 36 -2.83 22.16 7.98
C GLY A 36 -3.29 22.49 6.56
N PHE A 37 -4.60 22.50 6.32
CA PHE A 37 -5.08 22.73 4.96
C PHE A 37 -4.69 24.10 4.42
N GLU A 38 -4.89 25.13 5.24
CA GLU A 38 -4.53 26.51 4.89
C GLU A 38 -3.10 26.62 4.38
N GLN A 39 -2.14 26.12 5.14
CA GLN A 39 -0.74 26.13 4.73
C GLN A 39 -0.56 25.38 3.41
N LEU A 40 -1.21 24.23 3.27
CA LEU A 40 -1.04 23.41 2.07
C LEU A 40 -1.60 24.15 0.85
N LYS A 41 -2.76 24.74 1.03
CA LYS A 41 -3.39 25.54 -0.01
C LYS A 41 -2.48 26.70 -0.44
N LYS A 42 -1.84 27.36 0.52
CA LYS A 42 -1.00 28.52 0.23
C LYS A 42 0.31 28.13 -0.47
N GLU A 43 0.92 27.04 -0.04
CA GLU A 43 2.19 26.63 -0.62
C GLU A 43 2.06 26.03 -2.01
N LEU A 44 1.00 25.26 -2.26
CA LEU A 44 0.95 24.45 -3.50
C LEU A 44 0.21 25.11 -4.65
N THR A 45 -0.66 26.06 -4.34
CA THR A 45 -1.41 26.74 -5.38
C THR A 45 -0.45 27.50 -6.31
N GLY A 46 -0.55 27.22 -7.61
CA GLY A 46 0.30 27.86 -8.60
C GLY A 46 1.51 27.01 -8.96
N LYS A 47 1.73 25.94 -8.21
CA LYS A 47 2.87 25.06 -8.44
C LYS A 47 2.56 23.99 -9.48
N THR A 48 3.60 23.53 -10.18
CA THR A 48 3.46 22.48 -11.18
C THR A 48 3.89 21.14 -10.61
N ILE A 49 3.09 20.11 -10.81
CA ILE A 49 3.45 18.76 -10.39
C ILE A 49 4.62 18.18 -11.20
N GLN A 50 5.69 17.79 -10.52
CA GLN A 50 6.90 17.37 -11.23
C GLN A 50 7.06 15.86 -11.31
N GLY A 51 6.32 15.12 -10.51
CA GLY A 51 6.45 13.67 -10.50
C GLY A 51 5.65 13.07 -9.36
N ILE A 52 5.46 11.76 -9.40
CA ILE A 52 4.86 11.05 -8.28
C ILE A 52 5.69 9.81 -7.97
N SER A 53 6.07 9.69 -6.70
CA SER A 53 6.82 8.54 -6.23
C SER A 53 5.98 7.78 -5.23
N ARG A 54 6.58 6.76 -4.64
CA ARG A 54 5.91 5.92 -3.68
C ARG A 54 6.94 5.36 -2.72
N ARG A 55 6.56 5.21 -1.46
CA ARG A 55 7.38 4.51 -0.50
C ARG A 55 6.42 3.62 0.30
N GLY A 56 6.61 2.31 0.19
CA GLY A 56 5.65 1.38 0.78
C GLY A 56 4.26 1.67 0.26
N LYS A 57 3.31 1.81 1.18
CA LYS A 57 1.93 2.13 0.81
C LYS A 57 1.67 3.63 0.69
N TYR A 58 2.74 4.45 0.84
CA TYR A 58 2.58 5.90 0.79
C TYR A 58 2.81 6.46 -0.60
N LEU A 59 1.87 7.28 -1.09
CA LEU A 59 2.05 8.10 -2.30
C LEU A 59 2.81 9.40 -2.01
N ILE A 60 3.67 9.82 -2.94
CA ILE A 60 4.44 11.05 -2.75
C ILE A 60 4.37 11.96 -3.99
N PHE A 61 3.59 13.03 -3.89
CA PHE A 61 3.51 14.00 -4.98
C PHE A 61 4.68 14.94 -4.87
N GLU A 62 5.44 15.09 -5.95
CA GLU A 62 6.54 16.03 -6.01
C GLU A 62 6.06 17.30 -6.70
N ILE A 63 5.87 18.34 -5.89
CA ILE A 63 5.16 19.54 -6.33
C ILE A 63 5.99 20.79 -6.11
N GLY A 64 6.35 21.46 -7.20
CA GLY A 64 7.38 22.48 -7.16
C GLY A 64 8.69 21.80 -6.79
N ASP A 65 9.70 22.58 -6.42
CA ASP A 65 11.01 21.99 -6.15
C ASP A 65 11.22 21.60 -4.68
N ASP A 66 10.55 22.29 -3.77
CA ASP A 66 10.86 22.14 -2.34
C ASP A 66 9.71 21.53 -1.53
N PHE A 67 8.69 21.02 -2.20
CA PHE A 67 7.62 20.40 -1.43
C PHE A 67 7.23 19.03 -1.92
N ARG A 68 6.82 18.22 -0.95
CA ARG A 68 6.26 16.92 -1.21
C ARG A 68 4.96 16.79 -0.44
N LEU A 69 3.94 16.29 -1.13
CA LEU A 69 2.68 15.98 -0.52
C LEU A 69 2.63 14.47 -0.31
N ILE A 70 2.66 14.05 0.93
CA ILE A 70 2.62 12.63 1.24
C ILE A 70 1.18 12.23 1.54
N SER A 71 0.67 11.31 0.74
CA SER A 71 -0.72 10.87 0.76
C SER A 71 -0.82 9.40 1.11
N HIS A 72 -1.69 9.06 2.06
CA HIS A 72 -1.93 7.67 2.43
C HIS A 72 -3.42 7.37 2.25
N LEU A 73 -3.75 6.27 1.56
CA LEU A 73 -5.13 5.97 1.23
C LEU A 73 -5.81 5.14 2.31
N ARG A 74 -4.99 4.63 3.23
CA ARG A 74 -5.42 3.76 4.33
C ARG A 74 -6.29 2.64 3.81
N MET A 75 -7.53 2.53 4.30
CA MET A 75 -8.38 1.38 3.99
C MET A 75 -9.22 1.55 2.72
N GLU A 76 -9.69 2.76 2.45
CA GLU A 76 -10.66 2.91 1.37
C GLU A 76 -10.48 4.17 0.52
N GLY A 77 -9.34 4.84 0.67
CA GLY A 77 -9.05 6.02 -0.13
C GLY A 77 -9.04 5.74 -1.62
N LYS A 78 -9.59 6.69 -2.40
CA LYS A 78 -9.66 6.59 -3.85
C LYS A 78 -9.42 7.96 -4.49
N TYR A 79 -8.60 7.96 -5.54
CA TYR A 79 -8.43 9.14 -6.39
C TYR A 79 -9.22 9.01 -7.66
N ARG A 80 -9.70 10.13 -8.20
CA ARG A 80 -10.19 10.08 -9.56
C ARG A 80 -9.91 11.39 -10.29
N LEU A 81 -9.73 11.28 -11.60
CA LEU A 81 -9.53 12.44 -12.44
C LEU A 81 -10.86 12.73 -13.12
N ALA A 82 -11.30 13.97 -13.05
CA ALA A 82 -12.62 14.31 -13.54
C ALA A 82 -12.59 15.64 -14.23
N THR A 83 -13.61 15.89 -15.05
CA THR A 83 -13.76 17.21 -15.66
C THR A 83 -14.01 18.28 -14.58
N LEU A 84 -13.74 19.53 -14.92
CA LEU A 84 -13.95 20.62 -13.96
C LEU A 84 -15.41 20.76 -13.51
N ASP A 85 -16.34 20.33 -14.35
CA ASP A 85 -17.76 20.46 -14.01
C ASP A 85 -18.38 19.20 -13.38
N ALA A 86 -17.55 18.22 -13.04
CA ALA A 86 -18.06 17.00 -12.44
C ALA A 86 -18.76 17.31 -11.11
N PRO A 87 -19.88 16.62 -10.83
CA PRO A 87 -20.62 16.84 -9.59
C PRO A 87 -19.91 16.26 -8.37
N ARG A 88 -20.21 16.82 -7.19
CA ARG A 88 -19.65 16.32 -5.94
C ARG A 88 -20.31 15.00 -5.60
N GLU A 89 -19.52 14.02 -5.17
CA GLU A 89 -20.06 12.79 -4.63
C GLU A 89 -19.91 12.83 -3.12
N LYS A 90 -20.69 12.01 -2.42
CA LYS A 90 -20.85 12.13 -0.98
C LYS A 90 -19.53 12.05 -0.15
N HIS A 91 -18.59 11.20 -0.56
CA HIS A 91 -17.39 11.05 0.25
C HIS A 91 -16.14 11.67 -0.40
N ASP A 92 -16.34 12.61 -1.31
CA ASP A 92 -15.25 13.43 -1.79
C ASP A 92 -14.80 14.38 -0.69
N HIS A 93 -13.49 14.48 -0.47
CA HIS A 93 -12.96 15.30 0.62
C HIS A 93 -12.07 16.44 0.17
N LEU A 94 -11.36 16.24 -0.94
CA LEU A 94 -10.35 17.19 -1.40
C LEU A 94 -10.31 17.22 -2.91
N THR A 95 -9.89 18.33 -3.47
CA THR A 95 -9.74 18.38 -4.91
C THR A 95 -8.65 19.34 -5.26
N MET A 96 -7.83 18.90 -6.20
CA MET A 96 -6.74 19.67 -6.74
C MET A 96 -7.15 20.00 -8.18
N LYS A 97 -7.43 21.27 -8.46
CA LYS A 97 -8.00 21.62 -9.75
C LYS A 97 -6.94 22.11 -10.70
N PHE A 98 -6.96 21.59 -11.92
CA PHE A 98 -6.06 22.05 -12.97
C PHE A 98 -6.82 22.88 -13.99
N ALA A 99 -6.14 23.25 -15.08
CA ALA A 99 -6.77 24.09 -16.09
C ALA A 99 -7.87 23.35 -16.84
N ASP A 100 -7.72 22.04 -16.95
CA ASP A 100 -8.61 21.26 -17.80
C ASP A 100 -9.13 19.98 -17.15
N GLY A 101 -9.18 19.96 -15.82
CA GLY A 101 -9.66 18.80 -15.09
C GLY A 101 -9.27 18.93 -13.64
N GLN A 102 -9.66 17.96 -12.83
CA GLN A 102 -9.36 17.99 -11.40
C GLN A 102 -9.05 16.59 -10.88
N LEU A 103 -8.30 16.53 -9.79
CA LEU A 103 -7.98 15.29 -9.11
C LEU A 103 -8.71 15.29 -7.78
N ILE A 104 -9.61 14.35 -7.60
CA ILE A 104 -10.45 14.32 -6.42
C ILE A 104 -10.07 13.15 -5.54
N TYR A 105 -9.90 13.42 -4.25
CA TYR A 105 -9.71 12.37 -3.26
C TYR A 105 -11.00 12.08 -2.51
N ALA A 106 -11.40 10.82 -2.50
CA ALA A 106 -12.55 10.36 -1.74
C ALA A 106 -12.16 9.25 -0.78
N ASP A 107 -12.86 9.16 0.35
CA ASP A 107 -12.53 8.16 1.37
C ASP A 107 -13.73 7.97 2.28
N VAL A 108 -14.46 6.87 2.13
CA VAL A 108 -15.66 6.66 2.90
C VAL A 108 -15.41 6.74 4.41
N ARG A 109 -14.36 6.10 4.88
CA ARG A 109 -14.15 5.99 6.32
C ARG A 109 -13.31 7.13 6.90
N LYS A 110 -12.84 8.03 6.02
CA LYS A 110 -12.03 9.20 6.41
C LYS A 110 -10.72 8.86 7.11
N PHE A 111 -10.12 7.71 6.78
CA PHE A 111 -8.88 7.34 7.43
C PHE A 111 -7.69 7.97 6.69
N GLY A 112 -7.82 8.14 5.36
CA GLY A 112 -6.74 8.67 4.53
C GLY A 112 -6.17 10.02 4.99
N THR A 113 -4.90 10.28 4.70
CA THR A 113 -4.24 11.51 5.18
C THR A 113 -3.40 12.21 4.12
N TRP A 114 -3.28 13.53 4.26
CA TRP A 114 -2.32 14.34 3.50
C TRP A 114 -1.35 15.06 4.44
N GLU A 115 -0.06 15.05 4.09
CA GLU A 115 0.92 15.79 4.83
C GLU A 115 1.87 16.49 3.87
N LEU A 116 2.04 17.79 4.09
CA LEU A 116 2.96 18.61 3.33
C LEU A 116 4.31 18.59 4.02
N ILE A 117 5.33 18.15 3.28
CA ILE A 117 6.67 17.88 3.85
C ILE A 117 7.68 18.61 2.96
N SER A 118 8.77 19.09 3.55
CA SER A 118 9.86 19.68 2.75
C SER A 118 10.62 18.58 2.04
N THR A 119 11.10 18.88 0.85
CA THR A 119 11.82 17.89 0.06
C THR A 119 12.93 17.19 0.83
N ASP A 120 13.67 17.93 1.65
CA ASP A 120 14.76 17.29 2.41
C ASP A 120 14.27 16.66 3.71
N GLN A 121 12.97 16.71 3.96
CA GLN A 121 12.41 16.08 5.16
C GLN A 121 11.72 14.76 4.83
N VAL A 122 11.72 14.39 3.55
CA VAL A 122 11.05 13.17 3.11
C VAL A 122 11.76 11.93 3.61
N LEU A 123 13.06 11.82 3.34
CA LEU A 123 13.83 10.69 3.87
C LEU A 123 13.73 10.58 5.40
N PRO A 124 13.93 11.70 6.16
CA PRO A 124 13.75 11.59 7.62
C PRO A 124 12.33 11.16 8.04
N TYR A 125 11.32 11.61 7.31
CA TYR A 125 9.93 11.20 7.56
C TYR A 125 9.77 9.68 7.57
N PHE A 126 10.42 8.99 6.65
CA PHE A 126 10.21 7.56 6.56
C PHE A 126 11.13 6.85 7.54
N LEU A 127 12.26 7.48 7.88
CA LEU A 127 13.13 6.93 8.90
C LEU A 127 12.41 6.90 10.23
N LYS A 128 11.69 7.97 10.56
CA LYS A 128 10.96 8.04 11.84
C LYS A 128 9.89 6.95 11.90
N LYS A 129 9.25 6.65 10.78
CA LYS A 129 8.24 5.59 10.76
C LYS A 129 8.84 4.20 10.70
N LYS A 130 10.16 4.13 10.60
CA LYS A 130 10.88 2.85 10.61
C LYS A 130 10.44 1.90 9.48
N ILE A 131 9.93 2.46 8.39
CA ILE A 131 9.54 1.69 7.20
C ILE A 131 10.71 0.86 6.68
N GLY A 132 10.47 -0.44 6.47
CA GLY A 132 11.49 -1.33 5.95
C GLY A 132 11.73 -1.17 4.46
N PRO A 133 12.58 -2.04 3.90
CA PRO A 133 12.97 -1.94 2.50
C PRO A 133 11.82 -2.23 1.51
N GLU A 134 11.89 -1.63 0.33
CA GLU A 134 10.99 -1.96 -0.78
C GLU A 134 11.11 -3.46 -1.09
N PRO A 135 10.00 -4.09 -1.49
CA PRO A 135 10.00 -5.53 -1.80
C PRO A 135 10.61 -5.84 -3.17
N THR A 136 11.92 -5.62 -3.31
CA THR A 136 12.62 -5.91 -4.55
C THR A 136 13.87 -6.71 -4.26
N TYR A 137 14.37 -7.44 -5.25
CA TYR A 137 15.59 -8.21 -5.05
C TYR A 137 16.74 -7.28 -4.67
N GLU A 138 16.77 -6.09 -5.29
CA GLU A 138 17.87 -5.15 -5.06
C GLU A 138 17.86 -4.56 -3.64
N ASP A 139 16.69 -4.24 -3.10
CA ASP A 139 16.61 -3.57 -1.79
C ASP A 139 16.32 -4.48 -0.59
N PHE A 140 15.62 -5.58 -0.82
CA PHE A 140 15.17 -6.48 0.26
C PHE A 140 16.25 -7.53 0.53
N ASP A 141 17.16 -7.21 1.44
CA ASP A 141 18.28 -8.09 1.73
C ASP A 141 17.84 -9.26 2.63
N GLU A 142 18.00 -10.48 2.13
CA GLU A 142 17.55 -11.65 2.87
C GLU A 142 18.33 -11.87 4.16
N LYS A 143 19.62 -11.55 4.14
CA LYS A 143 20.47 -11.74 5.32
C LYS A 143 19.99 -10.95 6.53
N LEU A 144 19.69 -9.67 6.36
CA LEU A 144 19.14 -8.86 7.46
C LEU A 144 17.77 -9.35 7.87
N PHE A 145 16.95 -9.65 6.86
CA PHE A 145 15.64 -10.25 7.05
C PHE A 145 15.75 -11.44 7.99
N ARG A 146 16.71 -12.30 7.69
CA ARG A 146 16.88 -13.54 8.44
C ARG A 146 17.31 -13.24 9.86
N GLU A 147 18.22 -12.29 10.02
CA GLU A 147 18.69 -11.95 11.36
C GLU A 147 17.56 -11.40 12.23
N LYS A 148 16.69 -10.59 11.67
CA LYS A 148 15.56 -10.05 12.44
C LYS A 148 14.55 -11.13 12.85
N LEU A 149 14.26 -12.05 11.93
CA LEU A 149 13.33 -13.15 12.21
C LEU A 149 13.83 -13.99 13.37
N ARG A 150 15.14 -14.24 13.38
CA ARG A 150 15.74 -15.14 14.36
C ARG A 150 15.79 -14.56 15.77
N LYS A 151 15.76 -13.24 15.88
CA LYS A 151 15.87 -12.58 17.18
C LYS A 151 14.51 -12.37 17.84
N SER A 152 13.43 -12.71 17.14
CA SER A 152 12.09 -12.36 17.59
C SER A 152 11.19 -13.55 17.91
N THR A 153 10.25 -13.34 18.83
CA THR A 153 9.24 -14.36 19.13
C THR A 153 7.87 -13.97 18.58
N LYS A 154 7.82 -12.93 17.75
CA LYS A 154 6.55 -12.51 17.18
C LYS A 154 6.02 -13.56 16.21
N LYS A 155 4.71 -13.62 16.09
CA LYS A 155 4.07 -14.39 15.05
C LYS A 155 4.40 -13.75 13.71
N ILE A 156 4.61 -14.58 12.68
CA ILE A 156 5.11 -14.09 11.41
C ILE A 156 4.13 -13.15 10.72
N LYS A 157 2.83 -13.43 10.78
CA LYS A 157 1.90 -12.56 10.03
C LYS A 157 1.85 -11.14 10.62
N PRO A 158 1.60 -10.98 11.93
CA PRO A 158 1.59 -9.58 12.38
C PRO A 158 2.94 -8.88 12.30
N TYR A 159 4.04 -9.62 12.36
CA TYR A 159 5.36 -9.00 12.22
C TYR A 159 5.56 -8.45 10.80
N LEU A 160 5.22 -9.25 9.79
CA LEU A 160 5.28 -8.80 8.38
C LEU A 160 4.45 -7.55 8.16
N LEU A 161 3.27 -7.48 8.77
CA LEU A 161 2.36 -6.35 8.62
C LEU A 161 2.87 -5.08 9.27
N GLU A 162 3.89 -5.18 10.13
CA GLU A 162 4.43 -3.99 10.81
C GLU A 162 5.09 -2.99 9.87
N GLN A 163 5.38 -3.43 8.64
CA GLN A 163 6.04 -2.62 7.60
C GLN A 163 7.54 -2.44 7.87
N THR A 164 8.08 -3.09 8.91
CA THR A 164 9.48 -2.88 9.31
C THR A 164 10.46 -3.91 8.71
N LEU A 165 10.00 -5.13 8.48
CA LEU A 165 10.85 -6.17 7.87
C LEU A 165 10.98 -5.94 6.36
N VAL A 166 9.90 -5.43 5.79
CA VAL A 166 9.74 -5.14 4.36
C VAL A 166 8.49 -4.28 4.26
N ALA A 167 8.51 -3.31 3.37
CA ALA A 167 7.38 -2.40 3.21
C ALA A 167 6.33 -2.91 2.21
N GLY A 168 5.06 -2.68 2.52
CA GLY A 168 4.04 -2.75 1.51
C GLY A 168 3.04 -3.88 1.61
N LEU A 169 3.31 -4.88 2.45
CA LEU A 169 2.35 -5.96 2.62
C LEU A 169 1.17 -5.51 3.47
N GLY A 170 -0.04 -5.84 3.03
CA GLY A 170 -1.24 -5.64 3.81
C GLY A 170 -1.96 -6.99 3.94
N ASN A 171 -3.21 -6.99 4.40
CA ASN A 171 -3.86 -8.24 4.80
C ASN A 171 -4.03 -9.22 3.64
N ILE A 172 -4.35 -8.73 2.46
CA ILE A 172 -4.49 -9.62 1.30
C ILE A 172 -3.17 -10.33 0.98
N TYR A 173 -2.14 -9.56 0.67
CA TYR A 173 -0.92 -10.15 0.14
C TYR A 173 -0.10 -10.89 1.20
N VAL A 174 -0.24 -10.54 2.49
CA VAL A 174 0.49 -11.33 3.48
C VAL A 174 -0.13 -12.73 3.57
N ASP A 175 -1.45 -12.84 3.42
CA ASP A 175 -2.11 -14.15 3.42
C ASP A 175 -1.68 -14.94 2.19
N GLU A 176 -1.64 -14.28 1.04
CA GLU A 176 -1.22 -14.93 -0.20
C GLU A 176 0.23 -15.37 -0.10
N VAL A 177 1.07 -14.52 0.50
CA VAL A 177 2.49 -14.80 0.64
C VAL A 177 2.75 -15.98 1.57
N LEU A 178 2.05 -16.03 2.70
CA LEU A 178 2.28 -17.11 3.64
C LEU A 178 1.78 -18.44 3.07
N TRP A 179 0.70 -18.38 2.28
CA TRP A 179 0.23 -19.59 1.64
C TRP A 179 1.28 -20.10 0.67
N LEU A 180 1.82 -19.18 -0.12
CA LEU A 180 2.78 -19.54 -1.15
C LEU A 180 4.08 -20.05 -0.51
N ALA A 181 4.45 -19.46 0.63
CA ALA A 181 5.66 -19.89 1.33
C ALA A 181 5.40 -21.08 2.26
N LYS A 182 4.18 -21.59 2.25
CA LYS A 182 3.79 -22.73 3.09
C LYS A 182 4.12 -22.49 4.57
N ILE A 183 3.78 -21.32 5.07
CA ILE A 183 4.04 -20.96 6.45
C ILE A 183 2.73 -20.59 7.19
N HIS A 184 2.56 -21.11 8.39
CA HIS A 184 1.41 -20.78 9.22
C HIS A 184 1.51 -19.32 9.72
N PRO A 185 0.42 -18.55 9.61
CA PRO A 185 0.44 -17.13 10.04
C PRO A 185 0.83 -16.94 11.51
N GLU A 186 0.64 -17.95 12.34
CA GLU A 186 0.98 -17.82 13.74
C GLU A 186 2.33 -18.45 14.10
N LYS A 187 3.10 -18.83 13.08
CA LYS A 187 4.46 -19.33 13.30
C LYS A 187 5.34 -18.26 13.96
N GLU A 188 5.95 -18.63 15.08
CA GLU A 188 6.91 -17.75 15.75
C GLU A 188 8.19 -17.62 14.91
N THR A 189 8.62 -16.39 14.64
CA THR A 189 9.60 -16.17 13.58
C THR A 189 10.94 -16.80 13.91
N ASN A 190 11.26 -16.97 15.20
CA ASN A 190 12.54 -17.60 15.52
C ASN A 190 12.49 -19.13 15.36
N GLN A 191 11.34 -19.67 14.97
CA GLN A 191 11.24 -21.11 14.67
C GLN A 191 11.49 -21.36 13.18
N LEU A 192 11.48 -20.29 12.39
CA LEU A 192 11.63 -20.44 10.93
C LEU A 192 13.04 -20.90 10.62
N ILE A 193 13.17 -21.97 9.85
CA ILE A 193 14.50 -22.39 9.45
C ILE A 193 14.90 -21.65 8.17
N GLU A 194 16.19 -21.74 7.86
CA GLU A 194 16.79 -20.94 6.80
C GLU A 194 16.08 -21.08 5.45
N SER A 195 15.73 -22.31 5.06
CA SER A 195 15.11 -22.54 3.76
C SER A 195 13.68 -21.99 3.68
N SER A 196 12.97 -21.99 4.81
CA SER A 196 11.65 -21.38 4.85
C SER A 196 11.79 -19.87 4.71
N ILE A 197 12.78 -19.29 5.38
CA ILE A 197 12.97 -17.86 5.34
C ILE A 197 13.33 -17.44 3.92
N HIS A 198 14.09 -18.29 3.23
CA HIS A 198 14.48 -17.99 1.85
C HIS A 198 13.23 -17.99 0.97
N LEU A 199 12.40 -19.03 1.09
CA LEU A 199 11.19 -19.13 0.29
C LEU A 199 10.27 -17.96 0.59
N LEU A 200 10.20 -17.59 1.87
CA LEU A 200 9.33 -16.48 2.27
C LEU A 200 9.81 -15.18 1.65
N HIS A 201 11.13 -14.99 1.64
CA HIS A 201 11.73 -13.80 1.09
C HIS A 201 11.41 -13.65 -0.40
N ASP A 202 11.65 -14.73 -1.15
CA ASP A 202 11.39 -14.70 -2.57
C ASP A 202 9.89 -14.53 -2.86
N SER A 203 9.05 -15.21 -2.07
CA SER A 203 7.61 -15.18 -2.28
C SER A 203 7.04 -13.77 -2.08
N ILE A 204 7.59 -13.04 -1.11
CA ILE A 204 7.15 -11.68 -0.83
C ILE A 204 7.38 -10.81 -2.06
N ILE A 205 8.59 -10.89 -2.61
CA ILE A 205 8.96 -10.17 -3.80
C ILE A 205 8.13 -10.63 -5.01
N GLU A 206 8.03 -11.94 -5.21
CA GLU A 206 7.31 -12.47 -6.38
C GLU A 206 5.83 -12.08 -6.40
N ILE A 207 5.13 -12.26 -5.28
CA ILE A 207 3.69 -11.93 -5.21
C ILE A 207 3.43 -10.45 -5.48
N LEU A 208 4.22 -9.59 -4.85
CA LEU A 208 3.96 -8.15 -4.96
C LEU A 208 4.29 -7.67 -6.38
N GLN A 209 5.40 -8.14 -6.95
CA GLN A 209 5.74 -7.75 -8.32
C GLN A 209 4.70 -8.24 -9.33
N LYS A 210 4.14 -9.43 -9.09
CA LYS A 210 3.08 -9.95 -9.94
C LYS A 210 1.82 -9.08 -9.84
N ALA A 211 1.41 -8.75 -8.61
CA ALA A 211 0.23 -7.93 -8.39
C ALA A 211 0.35 -6.56 -9.07
N ILE A 212 1.54 -5.96 -8.99
CA ILE A 212 1.82 -4.71 -9.68
C ILE A 212 1.63 -4.87 -11.18
N LYS A 213 2.18 -5.94 -11.72
CA LYS A 213 2.06 -6.23 -13.14
C LYS A 213 0.59 -6.31 -13.56
N LEU A 214 -0.27 -6.85 -12.71
CA LEU A 214 -1.69 -7.03 -13.06
C LEU A 214 -2.57 -5.86 -12.66
N GLY A 215 -1.96 -4.76 -12.24
CA GLY A 215 -2.70 -3.57 -11.87
C GLY A 215 -3.39 -3.65 -10.52
N GLY A 216 -2.93 -4.55 -9.65
CA GLY A 216 -3.51 -4.68 -8.32
C GLY A 216 -4.85 -5.39 -8.29
N SER A 217 -5.44 -5.45 -7.10
CA SER A 217 -6.73 -6.13 -6.89
C SER A 217 -7.91 -5.17 -6.68
N SER A 218 -9.10 -5.59 -7.10
CA SER A 218 -10.34 -4.83 -6.87
C SER A 218 -11.51 -5.78 -6.58
N ALA A 224 -12.93 5.15 -10.53
CA ALA A 224 -11.72 5.48 -9.77
C ALA A 224 -10.45 4.97 -10.45
N LEU A 225 -9.31 5.61 -10.14
CA LEU A 225 -8.00 5.13 -10.56
C LEU A 225 -7.59 3.82 -9.89
N GLY A 226 -7.01 2.90 -10.67
CA GLY A 226 -6.62 1.60 -10.17
C GLY A 226 -7.79 0.64 -10.05
N SER A 227 -8.90 0.96 -10.69
CA SER A 227 -10.12 0.14 -10.60
C SER A 227 -10.21 -0.91 -11.70
N THR A 228 -9.14 -1.07 -12.47
CA THR A 228 -9.10 -2.02 -13.58
C THR A 228 -8.07 -3.13 -13.33
N GLY A 229 -7.77 -3.39 -12.06
CA GLY A 229 -6.83 -4.43 -11.70
C GLY A 229 -7.36 -5.83 -11.97
N LYS A 230 -6.47 -6.80 -12.08
CA LYS A 230 -6.86 -8.16 -12.40
C LYS A 230 -6.23 -9.15 -11.41
N MET A 231 -5.53 -8.63 -10.41
CA MET A 231 -4.85 -9.51 -9.45
C MET A 231 -5.84 -10.30 -8.61
N GLN A 232 -7.05 -9.76 -8.44
CA GLN A 232 -8.09 -10.41 -7.64
C GLN A 232 -8.43 -11.81 -8.17
N ASN A 233 -8.30 -11.99 -9.48
CA ASN A 233 -8.53 -13.29 -10.11
C ASN A 233 -7.47 -14.31 -9.74
N GLU A 234 -6.31 -13.80 -9.32
CA GLU A 234 -5.17 -14.66 -9.06
C GLU A 234 -5.03 -15.00 -7.60
N LEU A 235 -5.90 -14.44 -6.76
CA LEU A 235 -5.80 -14.67 -5.33
C LEU A 235 -6.05 -16.15 -5.04
N GLN A 236 -5.23 -16.73 -4.18
CA GLN A 236 -5.32 -18.15 -3.90
C GLN A 236 -6.03 -18.45 -2.58
N VAL A 237 -5.93 -17.56 -1.60
CA VAL A 237 -6.58 -17.83 -0.31
C VAL A 237 -7.36 -16.67 0.27
N TYR A 238 -6.98 -15.44 -0.01
CA TYR A 238 -7.64 -14.32 0.63
C TYR A 238 -9.11 -14.27 0.19
N GLY A 239 -10.01 -14.18 1.16
CA GLY A 239 -11.43 -14.06 0.90
C GLY A 239 -12.11 -15.30 0.33
N LYS A 240 -11.39 -16.42 0.31
CA LYS A 240 -11.88 -17.65 -0.29
C LYS A 240 -12.20 -18.74 0.73
N THR A 241 -12.70 -18.35 1.90
CA THR A 241 -13.10 -19.28 2.95
C THR A 241 -13.99 -20.40 2.44
N GLY A 242 -13.70 -21.63 2.84
CA GLY A 242 -14.54 -22.76 2.49
C GLY A 242 -14.30 -23.32 1.11
N GLU A 243 -13.40 -22.70 0.34
CA GLU A 243 -13.06 -23.17 -1.00
C GLU A 243 -11.78 -23.98 -0.96
N LYS A 244 -11.51 -24.76 -2.02
CA LYS A 244 -10.39 -25.70 -2.02
C LYS A 244 -9.05 -25.03 -2.30
N CYS A 245 -7.98 -25.52 -1.66
CA CYS A 245 -6.64 -24.98 -1.88
C CYS A 245 -5.65 -26.01 -2.43
N SER A 246 -5.54 -27.17 -1.79
CA SER A 246 -4.65 -28.22 -2.27
C SER A 246 -5.44 -29.34 -2.94
N ARG A 247 -4.97 -29.77 -4.10
CA ARG A 247 -5.66 -30.78 -4.91
C ARG A 247 -5.83 -32.13 -4.21
N CYS A 248 -6.39 -32.09 -3.00
CA CYS A 248 -6.61 -33.29 -2.19
C CYS A 248 -7.94 -33.22 -1.45
N GLY A 249 -8.37 -32.00 -1.14
CA GLY A 249 -9.66 -31.77 -0.52
C GLY A 249 -9.70 -30.70 0.56
N ALA A 250 -8.55 -30.15 0.89
CA ALA A 250 -8.49 -29.14 1.95
C ALA A 250 -9.31 -27.91 1.61
N GLU A 251 -10.06 -27.40 2.57
CA GLU A 251 -10.74 -26.13 2.40
C GLU A 251 -9.96 -25.03 3.11
N ILE A 252 -10.07 -23.82 2.58
CA ILE A 252 -9.44 -22.65 3.17
C ILE A 252 -10.20 -22.28 4.44
N GLN A 253 -9.47 -22.05 5.52
CA GLN A 253 -10.05 -21.66 6.79
C GLN A 253 -9.80 -20.21 7.08
N LYS A 254 -10.72 -19.58 7.77
CA LYS A 254 -10.53 -18.21 8.24
C LYS A 254 -10.45 -18.16 9.75
N ILE A 255 -9.40 -17.54 10.27
CA ILE A 255 -9.25 -17.37 11.71
C ILE A 255 -8.88 -15.92 12.02
N LYS A 256 -8.88 -15.55 13.29
CA LYS A 256 -8.47 -14.21 13.67
C LYS A 256 -7.05 -14.25 14.23
N VAL A 257 -6.15 -13.45 13.65
CA VAL A 257 -4.77 -13.36 14.13
C VAL A 257 -4.37 -11.90 14.37
N ALA A 258 -4.00 -11.60 15.61
CA ALA A 258 -3.59 -10.25 16.01
C ALA A 258 -4.54 -9.20 15.48
N GLY A 259 -5.83 -9.51 15.53
CA GLY A 259 -6.85 -8.57 15.14
C GLY A 259 -7.28 -8.59 13.69
N ARG A 260 -6.62 -9.40 12.86
CA ARG A 260 -6.91 -9.38 11.42
C ARG A 260 -7.53 -10.70 10.97
N GLY A 261 -8.49 -10.59 10.06
CA GLY A 261 -9.06 -11.74 9.40
C GLY A 261 -7.94 -12.45 8.65
N THR A 262 -7.86 -13.76 8.81
CA THR A 262 -6.69 -14.48 8.31
C THR A 262 -7.12 -15.75 7.57
N HIS A 263 -6.72 -15.85 6.31
CA HIS A 263 -7.12 -16.96 5.44
C HIS A 263 -5.94 -17.86 5.13
N PHE A 264 -6.08 -19.16 5.41
CA PHE A 264 -4.97 -20.07 5.19
C PHE A 264 -5.45 -21.49 4.92
N CYS A 265 -4.56 -22.28 4.33
CA CYS A 265 -4.79 -23.69 4.03
C CYS A 265 -4.07 -24.49 5.09
N PRO A 266 -4.81 -25.01 6.09
CA PRO A 266 -4.28 -25.67 7.28
C PRO A 266 -3.36 -26.85 6.95
N VAL A 267 -3.68 -27.60 5.91
CA VAL A 267 -2.91 -28.79 5.60
C VAL A 267 -1.52 -28.43 5.03
N CYS A 268 -1.44 -27.34 4.28
CA CYS A 268 -0.20 -26.89 3.64
C CYS A 268 0.58 -25.91 4.50
N GLN A 269 -0.08 -25.35 5.51
CA GLN A 269 0.53 -24.31 6.33
C GLN A 269 0.48 -24.72 7.78
N GLN A 270 0.96 -25.91 8.08
CA GLN A 270 1.17 -26.31 9.46
C GLN A 270 2.40 -25.58 9.98
N LYS A 271 2.48 -25.42 11.29
CA LYS A 271 3.74 -25.00 11.90
C LYS A 271 4.82 -26.08 11.68
#